data_1NNH
#
_entry.id   1NNH
#
_cell.length_a   68.529
_cell.length_b   68.529
_cell.length_c   150.684
_cell.angle_alpha   90.00
_cell.angle_beta   90.00
_cell.angle_gamma   90.00
#
_symmetry.space_group_name_H-M   'I 41'
#
loop_
_entity.id
_entity.type
_entity.pdbx_description
1 polymer 'asparaginyl-tRNA synthetase-related peptide'
2 non-polymer 'SODIUM ION'
3 water water
#
_entity_poly.entity_id   1
_entity_poly.type   'polypeptide(L)'
_entity_poly.pdbx_seq_one_letter_code
;MNAVEIISREISPTLDIQTKILEYMTDFFVKEGFKWLLPVIISPITDPLWPDPAGEGMEPAEVEIYGVKMRLTHSMILHK
QLAIAMGLKKIFVLSPNIRLESRQKDDGRHAYEFTQLDFEVERAKMEDIMRLIERLVYGLFRKAEEWTGREFPKTKRFEV
FEYSEVLEEFGSDEKASQEMEEPFWIINIPREFYDREVDGFWRNYDLILPYGYGEVASGGEREWEYEKIVAKIRKAGLNE
DSFRPYLEIAKAGKLKPSAGAGIGVERLVRFIVGAKHIAEVQPFPRIPGIPAVI
;
_entity_poly.pdbx_strand_id   A
#
loop_
_chem_comp.id
_chem_comp.type
_chem_comp.name
_chem_comp.formula
NA non-polymer 'SODIUM ION' 'Na 1'
#
# COMPACT_ATOMS: atom_id res chain seq x y z
N ASN A 2 -6.41 -26.29 -10.83
CA ASN A 2 -5.62 -27.19 -11.72
C ASN A 2 -4.45 -26.41 -12.36
N ALA A 3 -3.26 -26.99 -12.32
CA ALA A 3 -2.07 -26.30 -12.82
C ALA A 3 -2.14 -26.04 -14.33
N VAL A 4 -2.53 -27.06 -15.08
CA VAL A 4 -2.72 -26.91 -16.52
C VAL A 4 -3.79 -25.86 -16.85
N GLU A 5 -4.89 -25.83 -16.08
CA GLU A 5 -5.93 -24.82 -16.25
C GLU A 5 -5.41 -23.39 -16.05
N ILE A 6 -4.59 -23.21 -15.00
CA ILE A 6 -4.05 -21.88 -14.69
C ILE A 6 -3.21 -21.38 -15.87
N ILE A 7 -2.35 -22.24 -16.44
CA ILE A 7 -1.47 -21.77 -17.51
C ILE A 7 -2.13 -21.78 -18.90
N SER A 8 -3.36 -22.27 -18.99
CA SER A 8 -4.12 -22.23 -20.26
C SER A 8 -4.95 -20.95 -20.42
N ARG A 9 -4.95 -20.05 -19.42
CA ARG A 9 -5.62 -18.76 -19.54
C ARG A 9 -4.83 -17.90 -20.52
N GLU A 10 -5.54 -17.01 -21.22
CA GLU A 10 -4.92 -16.03 -22.11
C GLU A 10 -4.82 -14.71 -21.33
N ILE A 11 -3.61 -14.18 -21.21
CA ILE A 11 -3.34 -13.04 -20.34
C ILE A 11 -2.35 -12.07 -21.01
N SER A 12 -1.96 -12.34 -22.26
CA SER A 12 -0.95 -11.55 -22.94
C SER A 12 -1.35 -10.06 -23.05
N PRO A 13 -2.56 -9.70 -23.49
CA PRO A 13 -2.92 -8.28 -23.54
C PRO A 13 -2.85 -7.56 -22.18
N THR A 14 -3.26 -8.24 -21.12
CA THR A 14 -3.18 -7.68 -19.78
C THR A 14 -1.71 -7.44 -19.35
N LEU A 15 -0.83 -8.39 -19.64
CA LEU A 15 0.59 -8.21 -19.28
C LEU A 15 1.27 -7.16 -20.14
N ASP A 16 0.78 -6.94 -21.37
CA ASP A 16 1.31 -5.84 -22.19
C ASP A 16 0.94 -4.51 -21.52
N ILE A 17 -0.27 -4.41 -21.00
CA ILE A 17 -0.69 -3.22 -20.23
C ILE A 17 0.14 -3.08 -18.94
N GLN A 18 0.33 -4.19 -18.21
CA GLN A 18 1.13 -4.15 -16.97
C GLN A 18 2.53 -3.62 -17.25
N THR A 19 3.12 -4.05 -18.36
CA THR A 19 4.47 -3.59 -18.73
C THR A 19 4.50 -2.07 -18.93
N LYS A 20 3.50 -1.55 -19.62
CA LYS A 20 3.37 -0.09 -19.83
C LYS A 20 3.18 0.69 -18.51
N ILE A 21 2.39 0.13 -17.59
CA ILE A 21 2.17 0.73 -16.28
C ILE A 21 3.47 0.76 -15.44
N LEU A 22 4.17 -0.36 -15.38
CA LEU A 22 5.40 -0.43 -14.59
C LEU A 22 6.48 0.49 -15.16
N GLU A 23 6.63 0.52 -16.48
CA GLU A 23 7.56 1.46 -17.10
C GLU A 23 7.19 2.91 -16.79
N TYR A 24 5.90 3.25 -16.92
CA TYR A 24 5.45 4.61 -16.68
C TYR A 24 5.71 5.04 -15.23
N MET A 25 5.35 4.19 -14.27
CA MET A 25 5.50 4.56 -12.86
C MET A 25 6.96 4.59 -12.41
N THR A 26 7.75 3.57 -12.74
CA THR A 26 9.17 3.58 -12.33
C THR A 26 9.91 4.76 -12.95
N ASP A 27 9.65 5.03 -14.24
CA ASP A 27 10.22 6.21 -14.92
C ASP A 27 9.83 7.51 -14.22
N PHE A 28 8.57 7.62 -13.80
CA PHE A 28 8.10 8.81 -13.06
C PHE A 28 8.94 9.04 -11.81
N PHE A 29 9.04 8.02 -10.95
CA PHE A 29 9.75 8.22 -9.70
C PHE A 29 11.26 8.46 -9.91
N VAL A 30 11.87 7.82 -10.90
CA VAL A 30 13.29 8.07 -11.16
C VAL A 30 13.49 9.53 -11.62
N LYS A 31 12.65 9.99 -12.53
CA LYS A 31 12.75 11.36 -13.05
C LYS A 31 12.43 12.44 -12.00
N GLU A 32 11.61 12.08 -11.01
CA GLU A 32 11.34 12.95 -9.85
C GLU A 32 12.52 13.00 -8.84
N GLY A 33 13.56 12.20 -9.08
CA GLY A 33 14.77 12.22 -8.26
C GLY A 33 14.78 11.23 -7.09
N PHE A 34 13.91 10.23 -7.12
CA PHE A 34 13.87 9.18 -6.08
C PHE A 34 14.96 8.15 -6.35
N LYS A 35 15.55 7.62 -5.28
CA LYS A 35 16.43 6.44 -5.36
C LYS A 35 15.60 5.16 -5.42
N TRP A 36 16.02 4.23 -6.28
CA TRP A 36 15.30 2.96 -6.55
C TRP A 36 16.00 1.88 -5.71
N LEU A 37 15.33 1.47 -4.62
CA LEU A 37 15.83 0.46 -3.70
C LEU A 37 15.28 -0.92 -4.05
N LEU A 38 16.00 -1.93 -3.58
CA LEU A 38 15.57 -3.32 -3.74
C LEU A 38 14.80 -3.78 -2.50
N PRO A 39 13.90 -4.75 -2.65
CA PRO A 39 13.04 -5.13 -1.52
C PRO A 39 13.65 -6.00 -0.44
N VAL A 40 12.98 -5.96 0.72
CA VAL A 40 13.21 -6.80 1.88
C VAL A 40 12.06 -7.82 1.90
N ILE A 41 12.40 -9.09 2.02
CA ILE A 41 11.44 -10.22 2.05
C ILE A 41 11.33 -10.88 3.43
N ILE A 42 12.45 -11.01 4.14
CA ILE A 42 12.47 -11.60 5.49
C ILE A 42 13.30 -10.71 6.42
N SER A 43 12.77 -10.49 7.62
CA SER A 43 13.39 -9.58 8.61
C SER A 43 12.84 -9.91 10.00
N PRO A 44 13.58 -9.64 11.07
CA PRO A 44 12.95 -9.73 12.40
C PRO A 44 11.79 -8.77 12.61
N ILE A 45 11.72 -7.66 11.85
CA ILE A 45 10.67 -6.66 12.08
C ILE A 45 9.81 -6.48 10.82
N THR A 46 8.51 -6.30 10.99
CA THR A 46 7.61 -5.92 9.90
C THR A 46 6.38 -5.13 10.36
N ASP A 47 5.64 -4.58 9.41
CA ASP A 47 4.38 -3.88 9.65
C ASP A 47 3.42 -4.77 10.45
N PRO A 48 2.92 -4.34 11.61
CA PRO A 48 1.93 -5.14 12.34
C PRO A 48 0.57 -5.25 11.64
N LEU A 49 0.25 -4.28 10.79
CA LEU A 49 -1.07 -4.18 10.14
C LEU A 49 -2.23 -4.18 11.15
N TRP A 50 -1.94 -3.62 12.32
CA TRP A 50 -2.89 -3.57 13.41
C TRP A 50 -2.46 -2.47 14.39
N PRO A 51 -3.40 -1.69 14.96
CA PRO A 51 -4.82 -1.65 14.57
C PRO A 51 -4.95 -1.10 13.16
N ASP A 52 -6.02 -1.49 12.46
CA ASP A 52 -6.25 -1.06 11.08
C ASP A 52 -7.67 -1.51 10.70
N PRO A 53 -8.58 -0.59 10.36
CA PRO A 53 -9.94 -1.01 9.93
C PRO A 53 -9.97 -1.94 8.72
N ALA A 54 -8.93 -1.91 7.90
CA ALA A 54 -8.85 -2.72 6.67
C ALA A 54 -8.25 -4.11 6.90
N GLY A 55 -7.76 -4.35 8.11
CA GLY A 55 -6.97 -5.54 8.41
C GLY A 55 -7.70 -6.55 9.27
N GLU A 56 -7.32 -7.83 9.20
CA GLU A 56 -7.86 -8.85 10.12
C GLU A 56 -6.93 -9.11 11.30
N GLY A 57 -5.72 -8.58 11.29
CA GLY A 57 -4.81 -8.72 12.41
C GLY A 57 -4.13 -10.06 12.59
N MET A 58 -4.04 -10.83 11.51
CA MET A 58 -3.31 -12.09 11.53
C MET A 58 -1.79 -11.88 11.63
N GLU A 59 -1.10 -12.90 12.13
CA GLU A 59 0.35 -12.90 12.18
C GLU A 59 0.95 -13.04 10.79
N PRO A 60 2.12 -12.43 10.56
CA PRO A 60 2.83 -12.69 9.30
C PRO A 60 3.30 -14.13 9.21
N ALA A 61 3.54 -14.60 8.00
CA ALA A 61 4.27 -15.87 7.82
C ALA A 61 5.66 -15.76 8.46
N GLU A 62 6.11 -16.84 9.10
CA GLU A 62 7.36 -16.83 9.83
C GLU A 62 8.19 -18.06 9.50
N VAL A 63 9.50 -17.85 9.47
CA VAL A 63 10.44 -18.93 9.22
C VAL A 63 11.71 -18.73 10.04
N GLU A 64 12.33 -19.83 10.48
CA GLU A 64 13.59 -19.77 11.19
C GLU A 64 14.74 -19.76 10.18
N ILE A 65 15.61 -18.79 10.36
CA ILE A 65 16.74 -18.55 9.48
C ILE A 65 18.00 -18.48 10.33
N TYR A 66 18.92 -19.43 10.15
CA TYR A 66 20.13 -19.51 10.97
C TYR A 66 19.80 -19.46 12.48
N GLY A 67 18.70 -20.11 12.86
CA GLY A 67 18.26 -20.22 14.25
C GLY A 67 17.49 -19.04 14.83
N VAL A 68 17.13 -18.07 13.98
CA VAL A 68 16.47 -16.85 14.41
C VAL A 68 15.12 -16.69 13.67
N LYS A 69 14.09 -16.28 14.40
CA LYS A 69 12.75 -16.12 13.82
C LYS A 69 12.69 -14.89 12.90
N MET A 70 12.29 -15.11 11.64
CA MET A 70 12.11 -14.01 10.66
C MET A 70 10.66 -13.94 10.23
N ARG A 71 10.17 -12.72 9.97
CA ARG A 71 8.83 -12.50 9.46
C ARG A 71 8.89 -12.18 7.96
N LEU A 72 8.03 -12.81 7.16
CA LEU A 72 7.86 -12.43 5.76
C LEU A 72 7.19 -11.06 5.75
N THR A 73 7.56 -10.22 4.79
CA THR A 73 7.14 -8.84 4.74
C THR A 73 5.63 -8.63 4.61
N HIS A 74 5.03 -8.08 5.65
CA HIS A 74 3.67 -7.54 5.59
C HIS A 74 3.66 -6.27 4.73
N SER A 75 4.53 -5.33 5.09
CA SER A 75 4.92 -4.20 4.26
C SER A 75 6.30 -3.72 4.71
N MET A 76 6.94 -2.92 3.84
CA MET A 76 8.25 -2.37 4.13
C MET A 76 8.22 -1.03 4.89
N ILE A 77 7.10 -0.66 5.51
CA ILE A 77 7.02 0.67 6.18
C ILE A 77 8.18 0.97 7.13
N LEU A 78 8.52 0.02 8.01
CA LEU A 78 9.60 0.27 8.96
C LEU A 78 10.92 0.47 8.23
N HIS A 79 11.16 -0.35 7.22
CA HIS A 79 12.34 -0.21 6.38
C HIS A 79 12.39 1.09 5.58
N LYS A 80 11.23 1.61 5.13
CA LYS A 80 11.19 2.91 4.49
C LYS A 80 11.63 3.98 5.48
N GLN A 81 11.15 3.90 6.71
CA GLN A 81 11.57 4.87 7.73
C GLN A 81 13.06 4.76 8.01
N LEU A 82 13.60 3.54 8.00
CA LEU A 82 15.04 3.36 8.21
C LEU A 82 15.87 3.89 7.03
N ALA A 83 15.36 3.77 5.80
CA ALA A 83 16.00 4.35 4.63
C ALA A 83 16.07 5.87 4.75
N ILE A 84 14.99 6.48 5.26
CA ILE A 84 14.98 7.92 5.50
C ILE A 84 15.98 8.27 6.62
N ALA A 85 16.09 7.40 7.62
CA ALA A 85 17.07 7.59 8.70
C ALA A 85 18.53 7.55 8.20
N MET A 86 18.75 6.87 7.06
CA MET A 86 20.06 6.79 6.40
C MET A 86 20.39 8.02 5.53
N GLY A 87 19.52 9.02 5.55
CA GLY A 87 19.72 10.26 4.81
C GLY A 87 19.45 10.20 3.31
N LEU A 88 18.66 9.23 2.87
CA LEU A 88 18.42 8.98 1.45
C LEU A 88 17.36 9.89 0.82
N LYS A 89 16.58 10.58 1.64
CA LYS A 89 15.69 11.70 1.26
C LYS A 89 14.40 11.33 0.51
N LYS A 90 14.54 10.66 -0.64
CA LYS A 90 13.41 10.23 -1.46
C LYS A 90 13.72 8.84 -2.00
N ILE A 91 12.88 7.88 -1.64
CA ILE A 91 13.09 6.47 -2.02
C ILE A 91 11.81 5.81 -2.52
N PHE A 92 11.98 4.85 -3.42
CA PHE A 92 10.90 3.94 -3.80
C PHE A 92 11.42 2.54 -4.02
N VAL A 93 10.50 1.58 -3.95
CA VAL A 93 10.82 0.15 -4.13
C VAL A 93 9.58 -0.57 -4.72
N LEU A 94 9.81 -1.52 -5.64
CA LEU A 94 8.76 -2.46 -6.05
C LEU A 94 8.78 -3.63 -5.06
N SER A 95 7.90 -3.54 -4.08
CA SER A 95 7.98 -4.33 -2.85
C SER A 95 6.91 -5.44 -2.78
N PRO A 96 7.32 -6.71 -2.81
CA PRO A 96 6.37 -7.79 -2.51
C PRO A 96 5.88 -7.74 -1.07
N ASN A 97 4.59 -7.95 -0.89
CA ASN A 97 3.96 -8.07 0.42
C ASN A 97 3.26 -9.43 0.49
N ILE A 98 3.32 -10.08 1.65
CA ILE A 98 2.67 -11.36 1.89
C ILE A 98 1.74 -11.15 3.10
N ARG A 99 0.44 -11.27 2.89
CA ARG A 99 -0.58 -11.04 3.91
C ARG A 99 -1.61 -12.16 3.82
N LEU A 100 -1.58 -13.02 4.83
CA LEU A 100 -2.36 -14.25 4.80
C LEU A 100 -3.77 -14.03 5.30
N GLU A 101 -4.52 -13.25 4.53
CA GLU A 101 -5.88 -12.88 4.88
C GLU A 101 -6.81 -14.07 4.63
N SER A 102 -7.97 -14.05 5.28
CA SER A 102 -8.88 -15.19 5.20
C SER A 102 -9.66 -15.20 3.89
N ARG A 103 -10.41 -16.27 3.66
CA ARG A 103 -11.35 -16.32 2.53
C ARG A 103 -12.37 -15.18 2.56
N GLN A 104 -12.60 -14.56 3.72
CA GLN A 104 -13.53 -13.42 3.80
C GLN A 104 -13.05 -12.17 3.04
N LYS A 105 -11.74 -12.09 2.79
CA LYS A 105 -11.13 -11.02 1.98
C LYS A 105 -11.01 -11.37 0.50
N ASP A 106 -11.48 -12.56 0.10
CA ASP A 106 -11.53 -12.93 -1.32
C ASP A 106 -12.76 -12.30 -1.97
N ASP A 107 -12.62 -11.03 -2.30
CA ASP A 107 -13.73 -10.17 -2.77
C ASP A 107 -13.45 -9.64 -4.19
N GLY A 108 -12.40 -10.17 -4.82
CA GLY A 108 -11.96 -9.72 -6.13
C GLY A 108 -10.91 -8.62 -6.19
N ARG A 109 -10.63 -7.94 -5.08
CA ARG A 109 -9.55 -6.95 -5.06
C ARG A 109 -8.36 -7.31 -4.17
N HIS A 110 -8.47 -8.40 -3.40
CA HIS A 110 -7.36 -8.83 -2.54
C HIS A 110 -6.60 -10.05 -3.11
N ALA A 111 -5.29 -10.07 -2.86
CA ALA A 111 -4.44 -11.24 -3.11
C ALA A 111 -3.53 -11.41 -1.90
N TYR A 112 -3.13 -12.64 -1.58
CA TYR A 112 -2.27 -12.86 -0.40
C TYR A 112 -0.80 -12.61 -0.67
N GLU A 113 -0.43 -12.47 -1.93
CA GLU A 113 0.90 -12.02 -2.33
C GLU A 113 0.68 -11.03 -3.48
N PHE A 114 1.27 -9.85 -3.34
CA PHE A 114 1.08 -8.74 -4.28
C PHE A 114 2.25 -7.79 -4.17
N THR A 115 2.33 -6.82 -5.07
CA THR A 115 3.44 -5.87 -5.10
C THR A 115 2.92 -4.43 -4.94
N GLN A 116 3.56 -3.66 -4.06
CA GLN A 116 3.30 -2.23 -3.94
C GLN A 116 4.48 -1.46 -4.49
N LEU A 117 4.20 -0.42 -5.28
CA LEU A 117 5.20 0.60 -5.52
C LEU A 117 5.13 1.48 -4.27
N ASP A 118 6.14 1.31 -3.41
CA ASP A 118 6.14 1.87 -2.06
C ASP A 118 7.20 2.94 -1.97
N PHE A 119 6.81 4.15 -1.57
CA PHE A 119 7.75 5.29 -1.62
C PHE A 119 7.63 6.17 -0.37
N GLU A 120 8.70 6.92 -0.08
CA GLU A 120 8.77 7.78 1.11
C GLU A 120 9.64 9.00 0.84
N VAL A 121 9.24 10.14 1.42
CA VAL A 121 9.95 11.42 1.24
C VAL A 121 10.17 12.08 2.63
N GLU A 122 11.43 12.38 2.94
CA GLU A 122 11.78 13.12 4.16
C GLU A 122 11.05 14.49 4.21
N ARG A 123 10.42 14.74 5.36
CA ARG A 123 9.76 16.02 5.68
C ARG A 123 8.54 16.40 4.83
N ALA A 124 8.03 15.47 4.02
CA ALA A 124 6.82 15.71 3.25
C ALA A 124 5.58 15.73 4.14
N LYS A 125 4.58 16.51 3.73
CA LYS A 125 3.28 16.55 4.40
C LYS A 125 2.23 15.81 3.58
N MET A 126 1.09 15.53 4.21
CA MET A 126 0.03 14.80 3.55
C MET A 126 -0.41 15.48 2.23
N GLU A 127 -0.52 16.81 2.21
CA GLU A 127 -0.92 17.48 0.96
C GLU A 127 0.13 17.27 -0.14
N ASP A 128 1.42 17.24 0.22
CA ASP A 128 2.49 17.00 -0.76
C ASP A 128 2.36 15.63 -1.43
N ILE A 129 2.12 14.60 -0.61
CA ILE A 129 2.02 13.25 -1.16
C ILE A 129 0.72 13.06 -1.95
N MET A 130 -0.37 13.63 -1.47
CA MET A 130 -1.66 13.48 -2.16
C MET A 130 -1.57 14.14 -3.54
N ARG A 131 -0.98 15.33 -3.59
CA ARG A 131 -0.82 16.04 -4.86
C ARG A 131 0.13 15.30 -5.81
N LEU A 132 1.19 14.69 -5.25
CA LEU A 132 2.13 13.93 -6.08
C LEU A 132 1.42 12.72 -6.72
N ILE A 133 0.63 12.01 -5.94
CA ILE A 133 -0.16 10.88 -6.46
C ILE A 133 -1.20 11.34 -7.50
N GLU A 134 -1.84 12.48 -7.28
CA GLU A 134 -2.77 13.03 -8.28
C GLU A 134 -2.07 13.32 -9.60
N ARG A 135 -0.87 13.88 -9.54
CA ARG A 135 -0.11 14.18 -10.75
C ARG A 135 0.28 12.89 -11.51
N LEU A 136 0.73 11.89 -10.76
CA LEU A 136 1.04 10.57 -11.32
C LEU A 136 -0.18 9.94 -11.99
N VAL A 137 -1.30 9.90 -11.26
CA VAL A 137 -2.51 9.20 -11.71
C VAL A 137 -3.12 9.88 -12.94
N TYR A 138 -3.18 11.21 -12.96
CA TYR A 138 -3.75 11.92 -14.13
C TYR A 138 -2.98 11.56 -15.40
N GLY A 139 -1.66 11.64 -15.34
CA GLY A 139 -0.81 11.33 -16.48
C GLY A 139 -0.94 9.89 -16.91
N LEU A 140 -0.99 8.98 -15.94
CA LEU A 140 -1.19 7.55 -16.24
C LEU A 140 -2.51 7.27 -16.95
N PHE A 141 -3.59 7.90 -16.46
CA PHE A 141 -4.92 7.68 -17.03
C PHE A 141 -4.98 8.23 -18.46
N ARG A 142 -4.28 9.33 -18.74
CA ARG A 142 -4.27 9.84 -20.12
C ARG A 142 -3.54 8.87 -21.04
N LYS A 143 -2.45 8.27 -20.56
CA LYS A 143 -1.75 7.26 -21.35
C LYS A 143 -2.62 6.01 -21.51
N ALA A 144 -3.35 5.63 -20.47
CA ALA A 144 -4.18 4.43 -20.52
C ALA A 144 -5.30 4.55 -21.58
N GLU A 145 -5.76 5.78 -21.79
CA GLU A 145 -6.77 6.04 -22.83
C GLU A 145 -6.20 5.71 -24.21
N GLU A 146 -4.94 6.08 -24.44
CA GLU A 146 -4.23 5.74 -25.68
C GLU A 146 -4.01 4.23 -25.82
N TRP A 147 -3.57 3.59 -24.73
CA TRP A 147 -3.28 2.16 -24.73
C TRP A 147 -4.51 1.26 -24.97
N THR A 148 -5.66 1.66 -24.43
CA THR A 148 -6.90 0.83 -24.43
C THR A 148 -8.00 1.27 -25.40
N GLY A 149 -8.00 2.54 -25.79
CA GLY A 149 -9.09 3.13 -26.57
C GLY A 149 -10.38 3.41 -25.80
N ARG A 150 -10.29 3.39 -24.48
CA ARG A 150 -11.44 3.63 -23.63
C ARG A 150 -11.20 4.91 -22.82
N GLU A 151 -12.26 5.44 -22.24
CA GLU A 151 -12.19 6.69 -21.48
C GLU A 151 -11.95 6.40 -19.99
N PHE A 152 -11.11 7.24 -19.36
CA PHE A 152 -10.82 7.11 -17.93
C PHE A 152 -11.24 8.38 -17.19
N PRO A 153 -11.42 8.33 -15.88
CA PRO A 153 -11.75 9.54 -15.11
C PRO A 153 -10.82 10.74 -15.41
N LYS A 154 -11.43 11.92 -15.55
CA LYS A 154 -10.74 13.12 -16.04
C LYS A 154 -10.38 14.13 -14.95
N THR A 155 -10.86 13.94 -13.72
CA THR A 155 -10.61 14.95 -12.68
C THR A 155 -9.13 14.95 -12.27
N LYS A 156 -8.69 16.10 -11.79
CA LYS A 156 -7.29 16.33 -11.46
C LYS A 156 -7.00 16.50 -9.97
N ARG A 157 -7.94 17.07 -9.22
CA ARG A 157 -7.91 17.10 -7.76
C ARG A 157 -9.11 16.32 -7.29
N PHE A 158 -8.87 15.26 -6.53
CA PHE A 158 -9.94 14.39 -6.13
C PHE A 158 -10.66 14.91 -4.89
N GLU A 159 -11.95 14.60 -4.79
CA GLU A 159 -12.72 14.93 -3.60
C GLU A 159 -12.12 14.25 -2.36
N VAL A 160 -12.19 14.94 -1.24
CA VAL A 160 -11.70 14.42 0.04
C VAL A 160 -12.84 14.17 1.04
N PHE A 161 -12.86 12.99 1.62
CA PHE A 161 -13.80 12.65 2.69
C PHE A 161 -13.02 12.26 3.95
N GLU A 162 -13.54 12.64 5.11
CA GLU A 162 -13.06 12.06 6.35
C GLU A 162 -13.62 10.66 6.53
N TYR A 163 -12.80 9.77 7.11
CA TYR A 163 -13.20 8.39 7.33
C TYR A 163 -14.50 8.32 8.14
N SER A 164 -14.62 9.18 9.15
CA SER A 164 -15.83 9.20 10.00
C SER A 164 -17.08 9.51 9.15
N GLU A 165 -16.95 10.42 8.19
CA GLU A 165 -18.06 10.80 7.28
C GLU A 165 -18.40 9.69 6.30
N VAL A 166 -17.40 8.94 5.85
CA VAL A 166 -17.64 7.81 4.97
C VAL A 166 -18.48 6.77 5.71
N LEU A 167 -18.14 6.49 6.97
CA LEU A 167 -18.87 5.52 7.76
C LEU A 167 -20.35 5.95 7.91
N GLU A 168 -20.56 7.25 8.10
CA GLU A 168 -21.92 7.80 8.30
C GLU A 168 -22.75 7.82 7.01
N GLU A 169 -22.12 8.22 5.91
CA GLU A 169 -22.84 8.42 4.64
C GLU A 169 -23.03 7.10 3.85
N PHE A 170 -21.98 6.27 3.85
CA PHE A 170 -21.95 5.06 3.02
C PHE A 170 -21.89 3.74 3.78
N GLY A 171 -21.34 3.75 5.00
CA GLY A 171 -21.21 2.54 5.82
C GLY A 171 -19.84 1.88 5.75
N SER A 172 -19.19 1.96 4.58
CA SER A 172 -17.86 1.38 4.37
C SER A 172 -17.15 2.04 3.20
N ASP A 173 -15.84 1.86 3.12
CA ASP A 173 -15.04 2.37 2.01
C ASP A 173 -15.52 1.77 0.67
N GLU A 174 -15.86 0.48 0.67
CA GLU A 174 -16.27 -0.18 -0.57
C GLU A 174 -17.63 0.31 -1.07
N LYS A 175 -18.57 0.58 -0.16
CA LYS A 175 -19.87 1.12 -0.56
C LYS A 175 -19.71 2.52 -1.21
N ALA A 176 -18.81 3.33 -0.65
CA ALA A 176 -18.47 4.63 -1.23
C ALA A 176 -17.92 4.43 -2.62
N SER A 177 -17.03 3.45 -2.79
CA SER A 177 -16.43 3.18 -4.11
C SER A 177 -17.52 2.85 -5.15
N GLN A 178 -18.48 2.04 -4.73
CA GLN A 178 -19.57 1.62 -5.62
C GLN A 178 -20.43 2.79 -6.10
N GLU A 179 -20.52 3.85 -5.29
CA GLU A 179 -21.36 5.01 -5.59
C GLU A 179 -20.64 6.16 -6.31
N MET A 180 -19.31 6.10 -6.40
CA MET A 180 -18.52 7.19 -7.00
C MET A 180 -18.10 6.93 -8.44
N GLU A 181 -17.94 8.01 -9.21
CA GLU A 181 -17.54 7.93 -10.61
C GLU A 181 -16.13 8.50 -10.86
N GLU A 182 -15.53 9.08 -9.82
CA GLU A 182 -14.16 9.58 -9.90
C GLU A 182 -13.35 9.01 -8.73
N PRO A 183 -12.02 8.94 -8.84
CA PRO A 183 -11.22 8.55 -7.67
C PRO A 183 -11.41 9.59 -6.57
N PHE A 184 -11.26 9.14 -5.32
CA PHE A 184 -11.44 10.02 -4.16
C PHE A 184 -10.54 9.60 -2.99
N TRP A 185 -10.26 10.56 -2.13
CA TRP A 185 -9.48 10.37 -0.91
C TRP A 185 -10.34 10.13 0.32
N ILE A 186 -9.89 9.21 1.16
CA ILE A 186 -10.39 9.08 2.51
C ILE A 186 -9.23 9.37 3.47
N ILE A 187 -9.43 10.32 4.39
CA ILE A 187 -8.36 10.78 5.31
C ILE A 187 -8.76 10.58 6.78
N ASN A 188 -7.77 10.65 7.66
CA ASN A 188 -7.97 10.66 9.10
C ASN A 188 -8.55 9.34 9.61
N ILE A 189 -7.75 8.28 9.40
CA ILE A 189 -8.14 6.90 9.71
C ILE A 189 -7.30 6.40 10.90
N PRO A 190 -7.90 6.15 12.05
CA PRO A 190 -7.08 5.67 13.18
C PRO A 190 -6.52 4.27 12.89
N ARG A 191 -5.20 4.13 12.94
CA ARG A 191 -4.57 2.85 12.61
C ARG A 191 -3.20 2.63 13.29
N GLU A 192 -2.16 2.27 12.54
CA GLU A 192 -0.93 1.73 13.11
C GLU A 192 -0.05 2.82 13.76
N PHE A 193 0.88 2.39 14.63
CA PHE A 193 1.69 3.33 15.42
C PHE A 193 2.49 4.30 14.57
N TYR A 194 2.93 3.86 13.39
CA TYR A 194 3.84 4.67 12.56
C TYR A 194 3.17 5.84 11.86
N ASP A 195 1.83 5.82 11.68
CA ASP A 195 1.14 6.95 11.04
C ASP A 195 1.08 8.10 12.05
N ARG A 196 1.33 9.32 11.61
CA ARG A 196 1.35 10.45 12.55
C ARG A 196 -0.03 10.82 13.06
N GLU A 197 -0.18 10.88 14.39
CA GLU A 197 -1.41 11.30 15.07
C GLU A 197 -1.11 12.60 15.84
N VAL A 198 -1.99 13.58 15.74
CA VAL A 198 -1.84 14.86 16.43
C VAL A 198 -3.19 15.27 17.02
N ASP A 199 -3.32 15.15 18.34
CA ASP A 199 -4.55 15.56 19.06
C ASP A 199 -5.86 15.06 18.47
N GLY A 200 -5.89 13.76 18.15
CA GLY A 200 -7.07 13.07 17.68
C GLY A 200 -7.21 13.06 16.17
N PHE A 201 -6.32 13.73 15.47
CA PHE A 201 -6.33 13.77 13.99
C PHE A 201 -5.18 12.92 13.44
N TRP A 202 -5.49 12.03 12.50
CA TRP A 202 -4.50 11.15 11.87
C TRP A 202 -4.16 11.71 10.48
N ARG A 203 -2.88 11.99 10.26
CA ARG A 203 -2.37 12.66 9.07
C ARG A 203 -2.14 11.62 7.98
N ASN A 204 -3.21 10.96 7.56
CA ASN A 204 -3.11 9.83 6.64
C ASN A 204 -4.23 9.81 5.61
N TYR A 205 -4.11 8.91 4.62
CA TYR A 205 -4.91 8.98 3.40
C TYR A 205 -4.94 7.65 2.68
N ASP A 206 -6.10 7.31 2.15
CA ASP A 206 -6.25 6.21 1.20
C ASP A 206 -6.84 6.77 -0.09
N LEU A 207 -6.29 6.35 -1.24
CA LEU A 207 -6.89 6.61 -2.54
C LEU A 207 -7.81 5.47 -2.95
N ILE A 208 -9.06 5.83 -3.26
CA ILE A 208 -10.09 4.86 -3.62
C ILE A 208 -10.50 5.07 -5.07
N LEU A 209 -10.54 3.98 -5.82
CA LEU A 209 -11.00 4.02 -7.21
C LEU A 209 -12.54 4.05 -7.29
N PRO A 210 -13.08 4.56 -8.40
CA PRO A 210 -14.54 4.54 -8.63
C PRO A 210 -15.06 3.20 -9.14
N TYR A 211 -16.38 3.11 -9.34
CA TYR A 211 -17.05 1.96 -9.96
C TYR A 211 -16.91 0.65 -9.19
N GLY A 212 -16.71 0.77 -7.88
CA GLY A 212 -16.59 -0.36 -6.97
C GLY A 212 -15.22 -1.02 -6.91
N TYR A 213 -14.22 -0.50 -7.63
CA TYR A 213 -12.89 -1.14 -7.69
C TYR A 213 -12.09 -1.05 -6.37
N GLY A 214 -12.42 -0.08 -5.50
CA GLY A 214 -11.90 -0.01 -4.13
C GLY A 214 -10.53 0.63 -4.00
N GLU A 215 -9.92 0.45 -2.82
CA GLU A 215 -8.62 1.07 -2.50
C GLU A 215 -7.52 0.69 -3.50
N VAL A 216 -6.69 1.66 -3.87
CA VAL A 216 -5.52 1.42 -4.72
C VAL A 216 -4.20 1.94 -4.10
N ALA A 217 -4.27 2.88 -3.16
CA ALA A 217 -3.06 3.39 -2.50
C ALA A 217 -3.35 3.85 -1.07
N SER A 218 -2.34 3.79 -0.22
CA SER A 218 -2.49 4.14 1.19
C SER A 218 -1.16 4.67 1.71
N GLY A 219 -1.24 5.68 2.58
CA GLY A 219 -0.06 6.27 3.17
C GLY A 219 -0.35 7.24 4.27
N GLY A 220 0.70 7.90 4.76
CA GLY A 220 0.58 8.92 5.79
C GLY A 220 1.88 9.66 6.03
N GLU A 221 1.78 10.79 6.73
CA GLU A 221 2.90 11.32 7.51
C GLU A 221 3.21 10.30 8.63
N ARG A 222 4.43 10.37 9.18
CA ARG A 222 4.90 9.38 10.18
C ARG A 222 5.24 9.99 11.53
N GLU A 223 5.11 9.17 12.56
CA GLU A 223 5.77 9.42 13.86
C GLU A 223 7.27 9.16 13.74
N TRP A 224 8.07 9.96 14.45
CA TRP A 224 9.52 9.73 14.51
C TRP A 224 10.13 9.76 15.95
N GLU A 225 9.32 10.18 16.94
CA GLU A 225 9.79 10.32 18.31
C GLU A 225 9.55 9.06 19.14
N TYR A 226 10.61 8.58 19.80
CA TYR A 226 10.56 7.37 20.64
C TYR A 226 9.38 7.40 21.60
N GLU A 227 9.23 8.50 22.35
CA GLU A 227 8.25 8.51 23.43
C GLU A 227 6.82 8.34 22.92
N LYS A 228 6.52 9.01 21.81
CA LYS A 228 5.21 8.91 21.16
C LYS A 228 4.98 7.52 20.57
N ILE A 229 5.99 6.97 19.89
CA ILE A 229 5.86 5.69 19.20
C ILE A 229 5.60 4.58 20.21
N VAL A 230 6.41 4.55 21.25
CA VAL A 230 6.27 3.45 22.22
C VAL A 230 4.95 3.58 23.04
N ALA A 231 4.51 4.80 23.33
CA ALA A 231 3.20 4.97 23.96
C ALA A 231 2.06 4.34 23.10
N LYS A 232 2.14 4.53 21.78
CA LYS A 232 1.12 4.00 20.87
C LYS A 232 1.17 2.47 20.80
N ILE A 233 2.38 1.92 20.77
CA ILE A 233 2.57 0.46 20.75
C ILE A 233 1.95 -0.14 22.01
N ARG A 234 2.28 0.45 23.16
CA ARG A 234 1.78 -0.05 24.45
C ARG A 234 0.27 0.05 24.58
N LYS A 235 -0.32 1.16 24.11
CA LYS A 235 -1.77 1.37 24.18
C LYS A 235 -2.52 0.33 23.36
N ALA A 236 -1.92 -0.11 22.26
CA ALA A 236 -2.55 -1.08 21.37
C ALA A 236 -2.32 -2.54 21.81
N GLY A 237 -1.48 -2.73 22.83
CA GLY A 237 -1.19 -4.05 23.38
C GLY A 237 -0.25 -4.89 22.52
N LEU A 238 0.54 -4.25 21.66
CA LEU A 238 1.48 -4.97 20.80
C LEU A 238 2.76 -5.33 21.57
N ASN A 239 3.48 -6.33 21.08
CA ASN A 239 4.72 -6.80 21.70
C ASN A 239 5.88 -5.88 21.34
N GLU A 240 6.30 -5.07 22.29
CA GLU A 240 7.42 -4.15 22.12
C GLU A 240 8.69 -4.82 21.62
N ASP A 241 8.97 -6.02 22.14
CA ASP A 241 10.20 -6.71 21.80
C ASP A 241 10.24 -7.07 20.31
N SER A 242 9.07 -7.22 19.68
CA SER A 242 9.02 -7.55 18.24
C SER A 242 9.41 -6.38 17.34
N PHE A 243 9.67 -5.22 17.96
CA PHE A 243 10.14 -4.03 17.24
C PHE A 243 11.48 -3.52 17.75
N ARG A 244 12.21 -4.34 18.52
CA ARG A 244 13.39 -3.88 19.26
C ARG A 244 14.44 -3.05 18.48
N PRO A 245 15.01 -3.52 17.35
CA PRO A 245 16.01 -2.70 16.67
C PRO A 245 15.46 -1.36 16.16
N TYR A 246 14.21 -1.35 15.75
CA TYR A 246 13.57 -0.13 15.26
C TYR A 246 13.42 0.85 16.42
N LEU A 247 13.02 0.34 17.58
CA LEU A 247 12.90 1.18 18.77
C LEU A 247 14.26 1.69 19.23
N GLU A 248 15.32 0.89 19.07
CA GLU A 248 16.66 1.35 19.44
C GLU A 248 17.08 2.54 18.56
N ILE A 249 16.73 2.47 17.28
CA ILE A 249 17.05 3.52 16.34
C ILE A 249 16.21 4.79 16.67
N ALA A 250 14.95 4.61 17.05
CA ALA A 250 14.11 5.74 17.42
C ALA A 250 14.67 6.39 18.70
N LYS A 251 15.06 5.59 19.68
CA LYS A 251 15.58 6.10 20.94
C LYS A 251 16.87 6.89 20.73
N ALA A 252 17.68 6.46 19.77
CA ALA A 252 18.90 7.16 19.38
C ALA A 252 18.66 8.45 18.59
N GLY A 253 17.42 8.73 18.18
CA GLY A 253 17.09 9.95 17.50
C GLY A 253 17.31 9.96 16.01
N LYS A 254 17.45 8.79 15.38
CA LYS A 254 17.79 8.74 13.96
C LYS A 254 16.58 8.75 13.01
N LEU A 255 15.37 8.43 13.48
CA LEU A 255 14.20 8.60 12.62
C LEU A 255 13.93 10.09 12.37
N LYS A 256 13.40 10.40 11.19
CA LYS A 256 13.08 11.75 10.77
C LYS A 256 11.60 11.87 10.43
N PRO A 257 11.02 13.09 10.46
CA PRO A 257 9.69 13.27 9.87
C PRO A 257 9.71 12.88 8.40
N SER A 258 8.68 12.17 7.96
CA SER A 258 8.51 11.81 6.54
C SER A 258 7.04 11.56 6.22
N ALA A 259 6.75 11.43 4.93
CA ALA A 259 5.46 10.93 4.47
C ALA A 259 5.65 10.11 3.20
N GLY A 260 4.72 9.22 2.94
CA GLY A 260 4.79 8.38 1.75
C GLY A 260 3.51 7.62 1.50
N ALA A 261 3.59 6.60 0.63
CA ALA A 261 2.43 5.80 0.28
C ALA A 261 2.92 4.54 -0.44
N GLY A 262 2.05 3.53 -0.46
CA GLY A 262 2.20 2.38 -1.34
C GLY A 262 1.03 2.30 -2.31
N ILE A 263 1.34 1.96 -3.57
CA ILE A 263 0.35 1.83 -4.66
C ILE A 263 0.32 0.37 -5.08
N GLY A 264 -0.86 -0.25 -5.04
CA GLY A 264 -1.01 -1.66 -5.37
C GLY A 264 -0.95 -1.84 -6.88
N VAL A 265 0.09 -2.48 -7.37
CA VAL A 265 0.31 -2.58 -8.82
C VAL A 265 -0.75 -3.46 -9.47
N GLU A 266 -1.00 -4.64 -8.93
CA GLU A 266 -2.01 -5.53 -9.50
C GLU A 266 -3.39 -4.87 -9.46
N ARG A 267 -3.71 -4.14 -8.39
CA ARG A 267 -4.99 -3.44 -8.28
C ARG A 267 -5.14 -2.41 -9.38
N LEU A 268 -4.07 -1.67 -9.66
CA LEU A 268 -4.06 -0.67 -10.71
C LEU A 268 -4.21 -1.31 -12.11
N VAL A 269 -3.48 -2.39 -12.37
CA VAL A 269 -3.61 -3.14 -13.63
C VAL A 269 -5.05 -3.61 -13.80
N ARG A 270 -5.63 -4.16 -12.75
CA ARG A 270 -7.01 -4.64 -12.78
C ARG A 270 -7.96 -3.50 -13.19
N PHE A 271 -7.78 -2.31 -12.62
CA PHE A 271 -8.63 -1.18 -12.94
C PHE A 271 -8.51 -0.80 -14.42
N ILE A 272 -7.27 -0.70 -14.89
CA ILE A 272 -7.05 -0.21 -16.25
C ILE A 272 -7.59 -1.21 -17.29
N VAL A 273 -7.47 -2.51 -17.07
CA VAL A 273 -8.01 -3.50 -18.01
C VAL A 273 -9.46 -3.88 -17.75
N GLY A 274 -10.03 -3.44 -16.63
CA GLY A 274 -11.42 -3.69 -16.30
C GLY A 274 -11.75 -5.12 -15.89
N ALA A 275 -10.79 -5.78 -15.23
CA ALA A 275 -11.00 -7.15 -14.78
C ALA A 275 -11.88 -7.23 -13.55
N LYS A 276 -12.82 -8.17 -13.56
CA LYS A 276 -13.71 -8.39 -12.43
C LYS A 276 -12.98 -8.92 -11.19
N HIS A 277 -11.97 -9.76 -11.38
CA HIS A 277 -11.23 -10.37 -10.28
C HIS A 277 -9.73 -10.12 -10.46
N ILE A 278 -9.04 -9.77 -9.39
CA ILE A 278 -7.59 -9.55 -9.47
C ILE A 278 -6.81 -10.81 -9.93
N ALA A 279 -7.31 -12.01 -9.66
CA ALA A 279 -6.64 -13.22 -10.12
C ALA A 279 -6.48 -13.26 -11.64
N GLU A 280 -7.38 -12.58 -12.36
CA GLU A 280 -7.32 -12.56 -13.83
C GLU A 280 -6.08 -11.86 -14.38
N VAL A 281 -5.44 -10.99 -13.59
CA VAL A 281 -4.24 -10.25 -14.03
C VAL A 281 -2.91 -10.88 -13.56
N GLN A 282 -2.98 -11.95 -12.76
CA GLN A 282 -1.82 -12.65 -12.21
C GLN A 282 -1.56 -13.96 -12.95
N PRO A 283 -0.39 -14.14 -13.59
CA PRO A 283 -0.02 -15.45 -14.16
C PRO A 283 -0.16 -16.60 -13.17
N PHE A 284 0.16 -16.36 -11.90
CA PHE A 284 0.05 -17.34 -10.83
C PHE A 284 -0.82 -16.75 -9.69
N PRO A 285 -2.14 -16.99 -9.73
CA PRO A 285 -3.03 -16.38 -8.73
C PRO A 285 -2.66 -16.72 -7.28
N ARG A 286 -2.94 -15.77 -6.41
CA ARG A 286 -2.70 -15.87 -4.97
C ARG A 286 -3.99 -15.43 -4.25
N ILE A 287 -4.99 -16.32 -4.28
CA ILE A 287 -6.35 -15.96 -3.84
C ILE A 287 -6.48 -16.14 -2.31
N PRO A 288 -6.93 -15.11 -1.57
CA PRO A 288 -7.00 -15.24 -0.11
C PRO A 288 -7.76 -16.50 0.35
N GLY A 289 -7.09 -17.28 1.22
CA GLY A 289 -7.64 -18.50 1.78
C GLY A 289 -7.50 -19.75 0.91
N ILE A 290 -6.95 -19.61 -0.29
CA ILE A 290 -6.72 -20.75 -1.19
C ILE A 290 -5.23 -20.91 -1.48
N PRO A 291 -4.59 -21.93 -0.93
CA PRO A 291 -3.14 -22.07 -1.16
C PRO A 291 -2.88 -22.40 -2.62
N ALA A 292 -2.03 -21.62 -3.29
CA ALA A 292 -1.80 -21.77 -4.71
C ALA A 292 -1.12 -23.10 -5.04
N VAL A 293 -1.50 -23.73 -6.14
CA VAL A 293 -0.80 -24.97 -6.50
C VAL A 293 0.52 -24.68 -7.21
N ILE A 294 0.64 -23.52 -7.84
CA ILE A 294 1.91 -23.04 -8.42
C ILE A 294 2.07 -21.55 -8.08
NA NA B . -2.17 13.20 22.16
#